data_2P55
#
_entry.id   2P55
#
_cell.length_a   81.634
_cell.length_b   81.634
_cell.length_c   129.086
_cell.angle_alpha   90.00
_cell.angle_beta   90.00
_cell.angle_gamma   120.00
#
_symmetry.space_group_name_H-M   'P 62'
#
loop_
_entity.id
_entity.type
_entity.pdbx_description
1 polymer 'Dual specificity mitogen-activated protein kinase kinase 1'
2 non-polymer 'MAGNESIUM ION'
3 non-polymer 2-[(4-ETHYNYL-2-FLUOROPHENYL)AMINO]-3,4-DIFLUORO-N-(2-HYDROXYETHOXY)BENZAMIDE
4 non-polymer "ADENOSINE-5'-TRIPHOSPHATE"
5 water water
#
_entity_poly.entity_id   1
_entity_poly.type   'polypeptide(L)'
_entity_poly.pdbx_seq_one_letter_code
;MELKDDDFEKISELGAGNGGVVFKVSHKPSGLVMARKLIHLEIKPAIRNQIIRELQVLHECNSPYIVGFYGAFYSDGEIS
ICMEHMDGGSLDQVLKKAGRIPEQILGKVSIAVIKGLTYLREKHKIMHRDVKPSNILVNSRGEIKLCDFGVSGQLIDSMA
NSFVGTRSYMSPERLQGTHYSVQSDIWSMGLSLVEMAVGRYPIPPPDAKELELMFGCQVEGDAAETPPRPRTPGRPLSSY
GMDSRPPMAIFELLDYIVNEPPPKLPSGVFSLEFQDFVNKCLIKNPAERADLKQLMVHAFIKRSDAEEVDFAGWLCSTIG
LNQPSTPTHAAGV
;
_entity_poly.pdbx_strand_id   A
#
# COMPACT_ATOMS: atom_id res chain seq x y z
N MET A 1 -8.61 -12.71 23.15
CA MET A 1 -9.99 -13.23 22.92
C MET A 1 -10.14 -13.74 21.49
N GLU A 2 -10.89 -14.81 21.34
CA GLU A 2 -11.02 -15.47 20.04
C GLU A 2 -12.19 -14.87 19.26
N LEU A 3 -11.91 -14.48 18.03
CA LEU A 3 -12.92 -13.79 17.21
C LEU A 3 -13.87 -14.76 16.50
N LYS A 4 -15.12 -14.34 16.36
CA LYS A 4 -16.24 -15.21 15.99
C LYS A 4 -17.20 -14.41 15.11
N ASP A 5 -17.93 -15.08 14.22
CA ASP A 5 -18.80 -14.36 13.28
C ASP A 5 -20.00 -13.70 13.94
N ASP A 6 -20.67 -14.43 14.83
CA ASP A 6 -21.87 -13.95 15.52
C ASP A 6 -21.59 -12.82 16.53
N ASP A 7 -20.32 -12.62 16.86
CA ASP A 7 -19.89 -11.57 17.80
C ASP A 7 -19.69 -10.19 17.18
N PHE A 8 -19.95 -10.06 15.87
CA PHE A 8 -19.74 -8.80 15.15
C PHE A 8 -21.05 -8.16 14.69
N GLU A 9 -21.01 -6.87 14.38
CA GLU A 9 -22.19 -6.13 13.96
C GLU A 9 -21.80 -4.99 13.00
N LYS A 10 -22.30 -5.04 11.77
CA LYS A 10 -21.91 -4.09 10.72
C LYS A 10 -22.30 -2.65 11.07
N ILE A 11 -21.35 -1.73 10.92
CA ILE A 11 -21.63 -0.30 11.08
C ILE A 11 -21.84 0.33 9.71
N SER A 12 -20.77 0.40 8.92
CA SER A 12 -20.81 0.92 7.56
C SER A 12 -19.94 0.08 6.62
N GLU A 13 -19.72 0.58 5.40
CA GLU A 13 -18.86 -0.10 4.45
C GLU A 13 -17.70 0.78 4.02
N LEU A 14 -16.48 0.31 4.26
CA LEU A 14 -15.28 1.12 4.04
C LEU A 14 -14.76 1.08 2.60
N GLY A 15 -15.15 0.06 1.85
CA GLY A 15 -14.69 -0.09 0.48
C GLY A 15 -14.61 -1.54 0.04
N ALA A 16 -14.24 -1.74 -1.22
CA ALA A 16 -14.09 -3.08 -1.79
C ALA A 16 -13.17 -3.07 -2.99
N GLY A 17 -12.90 -4.25 -3.53
CA GLY A 17 -12.13 -4.40 -4.75
C GLY A 17 -11.47 -5.76 -4.85
N ASN A 18 -11.51 -6.34 -6.05
CA ASN A 18 -10.77 -7.56 -6.39
C ASN A 18 -10.62 -8.65 -5.32
N GLY A 19 -11.74 -9.06 -4.73
CA GLY A 19 -11.75 -10.20 -3.82
C GLY A 19 -12.27 -9.92 -2.43
N GLY A 20 -12.03 -8.70 -1.94
CA GLY A 20 -12.34 -8.34 -0.57
C GLY A 20 -13.35 -7.23 -0.42
N VAL A 21 -14.19 -7.37 0.59
CA VAL A 21 -15.03 -6.27 1.08
C VAL A 21 -14.63 -5.98 2.52
N VAL A 22 -14.47 -4.70 2.83
CA VAL A 22 -14.11 -4.31 4.19
C VAL A 22 -15.15 -3.38 4.81
N PHE A 23 -15.69 -3.83 5.93
CA PHE A 23 -16.68 -3.09 6.69
C PHE A 23 -16.06 -2.52 7.96
N LYS A 24 -16.51 -1.33 8.33
CA LYS A 24 -16.30 -0.81 9.68
C LYS A 24 -17.29 -1.58 10.54
N VAL A 25 -16.77 -2.37 11.47
CA VAL A 25 -17.62 -3.18 12.33
C VAL A 25 -17.39 -2.92 13.81
N SER A 26 -18.24 -3.51 14.63
CA SER A 26 -18.14 -3.39 16.07
C SER A 26 -18.09 -4.79 16.66
N HIS A 27 -17.07 -5.03 17.49
CA HIS A 27 -16.91 -6.30 18.17
C HIS A 27 -17.68 -6.24 19.49
N LYS A 28 -18.90 -6.76 19.47
CA LYS A 28 -19.84 -6.65 20.58
C LYS A 28 -19.26 -6.99 21.97
N PRO A 29 -18.56 -8.13 22.11
CA PRO A 29 -18.00 -8.46 23.43
C PRO A 29 -16.86 -7.56 23.94
N SER A 30 -16.15 -6.88 23.05
CA SER A 30 -15.03 -6.04 23.48
C SER A 30 -15.36 -4.55 23.36
N GLY A 31 -16.27 -4.23 22.45
CA GLY A 31 -16.70 -2.86 22.23
C GLY A 31 -15.83 -2.14 21.23
N LEU A 32 -14.82 -2.86 20.72
CA LEU A 32 -13.84 -2.30 19.79
C LEU A 32 -14.39 -2.08 18.40
N VAL A 33 -14.16 -0.89 17.86
CA VAL A 33 -14.42 -0.64 16.46
C VAL A 33 -13.29 -1.26 15.62
N MET A 34 -13.68 -2.04 14.61
CA MET A 34 -12.74 -2.81 13.81
C MET A 34 -13.01 -2.67 12.32
N ALA A 35 -11.99 -2.93 11.51
CA ALA A 35 -12.15 -3.11 10.07
C ALA A 35 -12.08 -4.59 9.80
N ARG A 36 -13.13 -5.12 9.21
CA ARG A 36 -13.21 -6.54 8.92
C ARG A 36 -13.19 -6.76 7.41
N LYS A 37 -12.18 -7.49 6.94
CA LYS A 37 -12.06 -7.82 5.51
C LYS A 37 -12.57 -9.22 5.25
N LEU A 38 -13.52 -9.32 4.33
CA LEU A 38 -14.08 -10.61 3.93
C LEU A 38 -13.61 -10.96 2.54
N ILE A 39 -13.03 -12.16 2.41
CA ILE A 39 -12.62 -12.67 1.11
C ILE A 39 -13.40 -13.93 0.77
N HIS A 40 -14.30 -13.79 -0.21
CA HIS A 40 -15.14 -14.88 -0.68
C HIS A 40 -14.31 -15.93 -1.41
N LEU A 41 -14.28 -17.16 -0.91
CA LEU A 41 -13.46 -18.21 -1.52
C LEU A 41 -14.09 -19.59 -1.51
N GLU A 42 -14.25 -20.17 -2.71
CA GLU A 42 -14.74 -21.56 -2.88
C GLU A 42 -13.63 -22.57 -2.59
N ILE A 43 -13.38 -22.80 -1.30
CA ILE A 43 -12.17 -23.52 -0.88
C ILE A 43 -12.51 -24.75 -0.03
N LYS A 44 -11.80 -25.86 -0.31
CA LYS A 44 -11.97 -27.10 0.45
C LYS A 44 -11.55 -26.92 1.90
N PRO A 45 -12.34 -27.48 2.84
CA PRO A 45 -12.09 -27.38 4.29
C PRO A 45 -10.62 -27.48 4.71
N ALA A 46 -9.87 -28.38 4.08
CA ALA A 46 -8.50 -28.67 4.50
C ALA A 46 -7.54 -27.51 4.27
N ILE A 47 -7.73 -26.79 3.17
CA ILE A 47 -6.82 -25.73 2.77
C ILE A 47 -7.33 -24.31 3.07
N ARG A 48 -8.47 -24.23 3.76
CA ARG A 48 -8.85 -22.97 4.41
C ARG A 48 -8.48 -23.01 5.88
N ASN A 49 -8.13 -24.19 6.38
CA ASN A 49 -7.51 -24.33 7.69
C ASN A 49 -6.09 -23.80 7.64
N GLN A 50 -5.43 -24.06 6.51
CA GLN A 50 -4.06 -23.66 6.27
C GLN A 50 -3.94 -22.14 6.26
N ILE A 51 -4.84 -21.50 5.48
CA ILE A 51 -4.92 -20.06 5.36
C ILE A 51 -5.09 -19.39 6.73
N ILE A 52 -6.02 -19.91 7.53
CA ILE A 52 -6.29 -19.40 8.88
C ILE A 52 -5.10 -19.60 9.80
N ARG A 53 -4.45 -20.75 9.68
CA ARG A 53 -3.28 -21.06 10.49
C ARG A 53 -2.09 -20.19 10.07
N GLU A 54 -2.00 -19.91 8.77
CA GLU A 54 -0.93 -19.08 8.22
C GLU A 54 -1.09 -17.60 8.57
N LEU A 55 -2.34 -17.18 8.77
CA LEU A 55 -2.64 -15.78 9.11
C LEU A 55 -2.43 -15.48 10.59
N GLN A 56 -2.16 -16.53 11.38
CA GLN A 56 -1.87 -16.36 12.81
C GLN A 56 -0.55 -15.61 13.08
N VAL A 57 0.36 -15.64 12.12
CA VAL A 57 1.63 -14.93 12.28
C VAL A 57 1.41 -13.42 12.38
N LEU A 58 0.28 -12.95 11.84
CA LEU A 58 -0.11 -11.55 11.94
C LEU A 58 -0.27 -11.08 13.40
N HIS A 59 -0.49 -12.03 14.31
CA HIS A 59 -0.49 -11.74 15.74
C HIS A 59 0.89 -11.33 16.25
N GLU A 60 1.92 -11.83 15.57
CA GLU A 60 3.31 -11.51 15.87
C GLU A 60 3.85 -10.32 15.05
N CYS A 61 2.99 -9.71 14.23
CA CYS A 61 3.35 -8.49 13.46
C CYS A 61 3.04 -7.21 14.23
N ASN A 62 3.94 -6.81 15.11
CA ASN A 62 3.78 -5.58 15.87
C ASN A 62 4.81 -4.53 15.45
N SER A 63 4.30 -3.38 15.00
CA SER A 63 5.10 -2.28 14.48
C SER A 63 4.23 -1.06 14.32
N PRO A 64 4.75 0.14 14.65
CA PRO A 64 4.00 1.37 14.39
C PRO A 64 3.69 1.59 12.92
N TYR A 65 4.43 0.90 12.04
CA TYR A 65 4.23 1.06 10.59
C TYR A 65 3.45 -0.07 9.93
N ILE A 66 2.95 -1.01 10.74
CA ILE A 66 2.08 -2.07 10.26
C ILE A 66 0.73 -2.02 10.95
N VAL A 67 -0.35 -2.13 10.18
CA VAL A 67 -1.72 -2.17 10.71
C VAL A 67 -1.87 -3.31 11.72
N GLY A 68 -2.44 -2.97 12.88
CA GLY A 68 -2.75 -3.94 13.93
C GLY A 68 -3.63 -5.05 13.40
N PHE A 69 -3.45 -6.24 13.95
CA PHE A 69 -4.24 -7.40 13.59
C PHE A 69 -4.91 -7.90 14.86
N TYR A 70 -6.17 -8.28 14.75
CA TYR A 70 -6.89 -8.85 15.89
C TYR A 70 -7.11 -10.34 15.72
N GLY A 71 -7.67 -10.75 14.59
CA GLY A 71 -7.97 -12.16 14.35
C GLY A 71 -8.39 -12.53 12.94
N ALA A 72 -8.30 -13.82 12.62
CA ALA A 72 -8.75 -14.36 11.34
C ALA A 72 -9.47 -15.67 11.53
N PHE A 73 -10.58 -15.84 10.81
CA PHE A 73 -11.42 -17.02 10.93
C PHE A 73 -12.23 -17.22 9.65
N TYR A 74 -12.85 -18.39 9.51
CA TYR A 74 -13.68 -18.70 8.35
C TYR A 74 -15.15 -18.81 8.76
N SER A 75 -16.03 -18.20 7.95
CA SER A 75 -17.47 -18.20 8.19
C SER A 75 -18.25 -18.27 6.88
N ASP A 76 -18.91 -19.41 6.67
CA ASP A 76 -19.78 -19.67 5.51
C ASP A 76 -19.37 -18.96 4.23
N GLY A 77 -18.35 -19.49 3.55
CA GLY A 77 -17.95 -19.03 2.22
C GLY A 77 -17.02 -17.83 2.15
N GLU A 78 -16.60 -17.32 3.32
CA GLU A 78 -15.68 -16.18 3.40
C GLU A 78 -14.67 -16.40 4.52
N ILE A 79 -13.42 -15.99 4.30
CA ILE A 79 -12.47 -15.89 5.40
C ILE A 79 -12.42 -14.43 5.85
N SER A 80 -12.29 -14.22 7.16
CA SER A 80 -12.34 -12.89 7.73
C SER A 80 -10.98 -12.50 8.28
N ILE A 81 -10.52 -11.32 7.90
CA ILE A 81 -9.32 -10.75 8.52
C ILE A 81 -9.73 -9.48 9.25
N CYS A 82 -9.57 -9.51 10.56
CA CYS A 82 -9.97 -8.39 11.43
C CYS A 82 -8.78 -7.54 11.86
N MET A 83 -8.80 -6.28 11.43
CA MET A 83 -7.69 -5.37 11.68
C MET A 83 -8.15 -4.05 12.27
N GLU A 84 -7.19 -3.30 12.81
CA GLU A 84 -7.37 -1.93 13.27
C GLU A 84 -8.15 -1.10 12.25
N HIS A 85 -9.13 -0.34 12.73
CA HIS A 85 -9.84 0.60 11.88
C HIS A 85 -9.00 1.87 11.72
N MET A 86 -8.55 2.15 10.50
CA MET A 86 -7.82 3.37 10.23
C MET A 86 -8.83 4.43 9.77
N ASP A 87 -9.12 5.39 10.64
CA ASP A 87 -10.16 6.39 10.38
C ASP A 87 -9.86 7.37 9.26
N GLY A 88 -8.61 7.46 8.84
CA GLY A 88 -8.22 8.33 7.71
C GLY A 88 -8.40 7.67 6.35
N GLY A 89 -8.49 6.34 6.35
CA GLY A 89 -8.60 5.57 5.11
C GLY A 89 -7.27 5.44 4.39
N SER A 90 -7.33 5.14 3.10
CA SER A 90 -6.13 4.81 2.33
C SER A 90 -5.61 6.03 1.60
N LEU A 91 -4.33 6.00 1.24
CA LEU A 91 -3.70 7.12 0.56
C LEU A 91 -4.35 7.43 -0.79
N ASP A 92 -4.81 6.40 -1.50
CA ASP A 92 -5.58 6.62 -2.73
C ASP A 92 -6.87 7.40 -2.48
N GLN A 93 -7.48 7.20 -1.31
CA GLN A 93 -8.69 7.94 -0.91
C GLN A 93 -8.40 9.41 -0.56
N VAL A 94 -7.32 9.65 0.19
CA VAL A 94 -6.92 11.02 0.52
C VAL A 94 -6.38 11.77 -0.70
N LEU A 95 -5.86 11.04 -1.69
CA LEU A 95 -5.40 11.68 -2.93
C LEU A 95 -6.56 12.26 -3.75
N LYS A 96 -7.67 11.52 -3.82
CA LYS A 96 -8.89 11.98 -4.50
C LYS A 96 -9.26 13.36 -4.00
N LYS A 97 -9.35 13.49 -2.68
CA LYS A 97 -9.72 14.75 -2.06
C LYS A 97 -8.61 15.79 -2.16
N ALA A 98 -7.38 15.43 -1.80
CA ALA A 98 -6.25 16.35 -1.85
C ALA A 98 -5.98 16.87 -3.25
N GLY A 99 -6.13 16.00 -4.25
CA GLY A 99 -5.72 16.33 -5.61
C GLY A 99 -4.24 16.11 -5.80
N ARG A 100 -3.46 16.43 -4.77
CA ARG A 100 -1.99 16.28 -4.79
C ARG A 100 -1.46 16.26 -3.38
N ILE A 101 -0.70 15.22 -3.05
CA ILE A 101 -0.06 15.14 -1.73
C ILE A 101 1.32 15.80 -1.81
N PRO A 102 1.53 16.87 -1.02
CA PRO A 102 2.77 17.66 -1.01
C PRO A 102 4.03 16.83 -0.75
N GLU A 103 5.14 17.22 -1.36
CA GLU A 103 6.43 16.53 -1.23
C GLU A 103 6.84 16.29 0.22
N GLN A 104 6.64 17.31 1.05
CA GLN A 104 6.97 17.24 2.48
C GLN A 104 6.29 16.04 3.13
N ILE A 105 5.00 15.87 2.85
CA ILE A 105 4.17 14.80 3.41
C ILE A 105 4.56 13.44 2.83
N LEU A 106 4.77 13.39 1.51
CA LEU A 106 5.20 12.16 0.85
C LEU A 106 6.48 11.61 1.41
N GLY A 107 7.29 12.49 2.00
CA GLY A 107 8.53 12.09 2.66
C GLY A 107 8.25 11.35 3.95
N LYS A 108 7.20 11.77 4.65
CA LYS A 108 6.75 11.07 5.84
C LYS A 108 6.09 9.74 5.47
N VAL A 109 5.51 9.67 4.28
CA VAL A 109 4.96 8.43 3.74
C VAL A 109 6.10 7.47 3.41
N SER A 110 7.09 7.94 2.65
CA SER A 110 8.22 7.12 2.27
C SER A 110 8.88 6.49 3.49
N ILE A 111 9.18 7.30 4.51
CA ILE A 111 9.78 6.80 5.74
C ILE A 111 8.98 5.64 6.28
N ALA A 112 7.65 5.80 6.37
CA ALA A 112 6.80 4.75 6.93
C ALA A 112 6.84 3.46 6.08
N VAL A 113 6.69 3.61 4.78
CA VAL A 113 6.74 2.50 3.85
C VAL A 113 8.09 1.77 3.94
N ILE A 114 9.18 2.52 3.93
CA ILE A 114 10.52 1.90 3.99
C ILE A 114 10.75 1.22 5.34
N LYS A 115 10.20 1.78 6.41
CA LYS A 115 10.32 1.18 7.74
C LYS A 115 9.40 -0.04 7.87
N GLY A 116 8.23 0.04 7.23
CA GLY A 116 7.26 -1.06 7.21
C GLY A 116 7.76 -2.25 6.43
N LEU A 117 8.28 -1.98 5.23
CA LEU A 117 8.89 -3.03 4.42
C LEU A 117 10.04 -3.68 5.17
N THR A 118 10.90 -2.84 5.76
CA THR A 118 12.08 -3.29 6.51
C THR A 118 11.69 -4.21 7.65
N TYR A 119 10.69 -3.81 8.43
CA TYR A 119 10.22 -4.65 9.53
C TYR A 119 9.80 -6.04 9.05
N LEU A 120 9.00 -6.08 7.99
CA LEU A 120 8.48 -7.33 7.46
C LEU A 120 9.57 -8.24 6.94
N ARG A 121 10.61 -7.66 6.32
CA ARG A 121 11.71 -8.44 5.78
C ARG A 121 12.59 -8.99 6.89
N GLU A 122 13.10 -8.09 7.74
CA GLU A 122 14.07 -8.47 8.77
C GLU A 122 13.47 -9.41 9.82
N LYS A 123 12.29 -9.07 10.33
CA LYS A 123 11.74 -9.81 11.46
C LYS A 123 10.83 -10.99 11.07
N HIS A 124 10.36 -11.00 9.83
CA HIS A 124 9.43 -12.04 9.37
C HIS A 124 9.78 -12.69 8.02
N LYS A 125 10.81 -12.18 7.37
CA LYS A 125 11.34 -12.74 6.12
C LYS A 125 10.28 -12.84 5.03
N ILE A 126 9.46 -11.80 4.93
CA ILE A 126 8.44 -11.71 3.89
C ILE A 126 8.48 -10.37 3.14
N MET A 127 8.21 -10.42 1.84
CA MET A 127 8.03 -9.22 1.04
C MET A 127 6.55 -8.84 1.07
N HIS A 128 6.24 -7.59 0.76
CA HIS A 128 4.87 -7.13 0.79
C HIS A 128 4.02 -7.73 -0.34
N ARG A 129 4.47 -7.54 -1.59
CA ARG A 129 3.85 -8.12 -2.81
C ARG A 129 2.78 -7.28 -3.48
N ASP A 130 2.17 -6.36 -2.71
CA ASP A 130 1.10 -5.51 -3.23
C ASP A 130 1.17 -4.11 -2.59
N VAL A 131 2.27 -3.40 -2.85
CA VAL A 131 2.45 -2.04 -2.38
C VAL A 131 1.81 -1.09 -3.38
N LYS A 132 0.79 -0.35 -2.94
CA LYS A 132 0.12 0.66 -3.76
C LYS A 132 -0.66 1.59 -2.82
N PRO A 133 -1.06 2.79 -3.30
CA PRO A 133 -1.69 3.81 -2.45
C PRO A 133 -2.86 3.29 -1.62
N SER A 134 -3.56 2.27 -2.11
CA SER A 134 -4.70 1.73 -1.40
C SER A 134 -4.32 0.75 -0.30
N ASN A 135 -3.08 0.26 -0.33
CA ASN A 135 -2.60 -0.67 0.70
C ASN A 135 -1.76 0.04 1.75
N ILE A 136 -1.75 1.37 1.68
CA ILE A 136 -1.10 2.22 2.67
C ILE A 136 -2.20 2.99 3.37
N LEU A 137 -2.29 2.82 4.68
CA LEU A 137 -3.37 3.39 5.47
C LEU A 137 -2.92 4.50 6.42
N VAL A 138 -3.79 5.49 6.63
CA VAL A 138 -3.49 6.59 7.54
C VAL A 138 -4.59 6.78 8.59
N ASN A 139 -4.23 7.40 9.71
CA ASN A 139 -5.22 7.78 10.71
C ASN A 139 -5.01 9.18 11.28
N SER A 140 -5.94 9.60 12.13
CA SER A 140 -5.95 10.94 12.72
C SER A 140 -4.84 11.18 13.75
N ARG A 141 -4.28 10.10 14.30
CA ARG A 141 -3.12 10.21 15.19
C ARG A 141 -1.84 10.37 14.36
N GLY A 142 -2.01 10.56 13.05
CA GLY A 142 -0.90 10.77 12.12
C GLY A 142 -0.07 9.53 11.78
N GLU A 143 -0.58 8.36 12.13
CA GLU A 143 0.10 7.11 11.83
C GLU A 143 -0.10 6.69 10.36
N ILE A 144 0.96 6.16 9.76
CA ILE A 144 0.96 5.72 8.37
C ILE A 144 1.37 4.26 8.34
N LYS A 145 0.42 3.38 8.05
CA LYS A 145 0.62 1.95 8.20
C LYS A 145 0.35 1.16 6.92
N LEU A 146 1.08 0.07 6.74
CA LEU A 146 0.86 -0.83 5.60
C LEU A 146 -0.07 -1.98 5.97
N CYS A 147 -0.87 -2.41 5.01
CA CYS A 147 -1.67 -3.63 5.16
C CYS A 147 -1.55 -4.48 3.91
N ASP A 148 -2.33 -5.57 3.85
CA ASP A 148 -2.45 -6.42 2.67
C ASP A 148 -1.10 -6.87 2.10
N PHE A 149 -0.19 -7.27 2.99
CA PHE A 149 1.10 -7.84 2.60
C PHE A 149 0.99 -9.36 2.58
N GLY A 150 1.96 -10.05 1.99
CA GLY A 150 1.86 -11.49 1.75
C GLY A 150 2.35 -12.39 2.87
N VAL A 151 1.54 -12.53 3.93
CA VAL A 151 1.85 -13.46 5.02
C VAL A 151 1.52 -14.91 4.68
N SER A 152 0.53 -15.09 3.82
CA SER A 152 -0.05 -16.40 3.57
C SER A 152 0.19 -16.92 2.15
N GLY A 153 1.08 -17.90 2.05
CA GLY A 153 1.37 -18.52 0.75
C GLY A 153 0.09 -19.02 0.10
N GLN A 154 -0.71 -19.73 0.89
CA GLN A 154 -1.87 -20.41 0.37
C GLN A 154 -2.98 -19.44 -0.03
N LEU A 155 -3.01 -18.27 0.61
CA LEU A 155 -4.01 -17.26 0.29
C LEU A 155 -3.61 -16.58 -1.00
N ILE A 156 -2.32 -16.35 -1.19
CA ILE A 156 -1.82 -15.83 -2.47
C ILE A 156 -2.24 -16.77 -3.60
N ASP A 157 -1.93 -18.07 -3.46
CA ASP A 157 -2.38 -19.09 -4.40
C ASP A 157 -3.90 -19.04 -4.66
N SER A 158 -4.70 -19.00 -3.60
CA SER A 158 -6.16 -19.03 -3.71
C SER A 158 -6.81 -17.90 -4.50
N MET A 159 -6.09 -16.78 -4.65
CA MET A 159 -6.68 -15.62 -5.29
C MET A 159 -6.11 -15.36 -6.68
N ALA A 160 -4.88 -15.83 -6.91
CA ALA A 160 -4.16 -15.65 -8.17
C ALA A 160 -4.99 -15.93 -9.42
N VAL A 164 -6.70 -7.81 -11.02
CA VAL A 164 -5.72 -7.03 -11.78
C VAL A 164 -6.28 -5.63 -12.15
N GLY A 165 -7.14 -5.56 -13.17
CA GLY A 165 -7.72 -4.28 -13.62
C GLY A 165 -6.99 -3.59 -14.77
N THR A 166 -6.78 -2.28 -14.66
CA THR A 166 -6.11 -1.48 -15.70
C THR A 166 -4.99 -0.55 -15.17
N ARG A 167 -4.88 -0.43 -13.85
CA ARG A 167 -3.74 0.23 -13.22
C ARG A 167 -2.81 -0.86 -12.67
N SER A 168 -1.55 -0.84 -13.07
CA SER A 168 -0.59 -1.80 -12.53
C SER A 168 0.60 -1.12 -11.84
N TYR A 169 0.91 -1.61 -10.64
CA TYR A 169 2.04 -1.15 -9.85
C TYR A 169 3.10 -2.23 -9.78
N MET A 170 2.94 -3.27 -10.62
CA MET A 170 3.88 -4.38 -10.64
C MET A 170 5.15 -4.00 -11.37
N SER A 171 6.27 -4.50 -10.87
CA SER A 171 7.58 -4.17 -11.40
C SER A 171 7.75 -4.82 -12.76
N PRO A 172 8.62 -4.25 -13.63
CA PRO A 172 8.93 -4.85 -14.93
C PRO A 172 9.32 -6.32 -14.84
N GLU A 173 10.13 -6.67 -13.84
CA GLU A 173 10.61 -8.04 -13.71
C GLU A 173 9.50 -9.00 -13.29
N ARG A 174 8.54 -8.50 -12.50
CA ARG A 174 7.42 -9.30 -12.02
C ARG A 174 6.37 -9.50 -13.10
N LEU A 175 6.16 -8.46 -13.92
CA LEU A 175 5.28 -8.54 -15.08
C LEU A 175 5.80 -9.53 -16.11
N GLN A 176 7.12 -9.69 -16.16
CA GLN A 176 7.76 -10.54 -17.18
C GLN A 176 7.91 -12.02 -16.81
N GLY A 177 7.94 -12.33 -15.51
CA GLY A 177 8.15 -13.71 -15.10
C GLY A 177 8.06 -14.00 -13.62
N THR A 178 8.74 -15.07 -13.21
CA THR A 178 8.79 -15.49 -11.81
C THR A 178 10.09 -15.01 -11.15
N HIS A 179 10.98 -14.42 -11.94
CA HIS A 179 12.26 -13.94 -11.44
C HIS A 179 12.14 -12.53 -10.80
N TYR A 180 11.46 -12.48 -9.66
CA TYR A 180 11.28 -11.26 -8.89
C TYR A 180 11.38 -11.62 -7.40
N SER A 181 11.61 -10.60 -6.57
CA SER A 181 11.66 -10.79 -5.13
C SER A 181 11.40 -9.47 -4.42
N VAL A 182 12.07 -9.24 -3.28
CA VAL A 182 11.79 -8.07 -2.44
C VAL A 182 11.97 -6.74 -3.17
N GLN A 183 12.90 -6.70 -4.13
CA GLN A 183 13.17 -5.49 -4.90
C GLN A 183 11.98 -4.99 -5.70
N SER A 184 11.05 -5.89 -5.99
CA SER A 184 9.81 -5.52 -6.67
C SER A 184 8.97 -4.51 -5.86
N ASP A 185 9.06 -4.58 -4.53
CA ASP A 185 8.29 -3.68 -3.66
C ASP A 185 8.77 -2.22 -3.77
N ILE A 186 10.05 -2.05 -4.09
CA ILE A 186 10.65 -0.73 -4.25
C ILE A 186 10.04 -0.03 -5.44
N TRP A 187 9.92 -0.74 -6.56
CA TRP A 187 9.27 -0.19 -7.75
C TRP A 187 7.86 0.25 -7.39
N SER A 188 7.12 -0.62 -6.72
CA SER A 188 5.74 -0.32 -6.34
C SER A 188 5.64 0.98 -5.55
N MET A 189 6.45 1.08 -4.50
CA MET A 189 6.56 2.30 -3.70
C MET A 189 6.94 3.50 -4.58
N GLY A 190 7.99 3.31 -5.37
CA GLY A 190 8.47 4.33 -6.31
C GLY A 190 7.37 4.91 -7.15
N LEU A 191 6.64 4.02 -7.84
CA LEU A 191 5.53 4.41 -8.69
C LEU A 191 4.37 5.01 -7.89
N SER A 192 4.10 4.46 -6.71
CA SER A 192 3.04 5.01 -5.87
C SER A 192 3.36 6.47 -5.56
N LEU A 193 4.61 6.75 -5.18
CA LEU A 193 5.01 8.09 -4.80
C LEU A 193 4.89 9.09 -5.95
N VAL A 194 5.24 8.67 -7.17
CA VAL A 194 5.04 9.56 -8.32
C VAL A 194 3.54 9.87 -8.53
N GLU A 195 2.69 8.84 -8.45
CA GLU A 195 1.26 9.04 -8.64
C GLU A 195 0.74 10.10 -7.67
N MET A 196 0.99 9.89 -6.39
CA MET A 196 0.51 10.78 -5.33
C MET A 196 1.05 12.22 -5.46
N ALA A 197 2.29 12.33 -5.96
CA ALA A 197 2.94 13.61 -6.21
C ALA A 197 2.25 14.46 -7.27
N VAL A 198 2.01 13.86 -8.44
CA VAL A 198 1.51 14.59 -9.59
C VAL A 198 -0.02 14.61 -9.65
N GLY A 199 -0.67 13.66 -9.00
CA GLY A 199 -2.13 13.64 -8.92
C GLY A 199 -2.82 12.60 -9.79
N ARG A 200 -2.05 11.92 -10.64
CA ARG A 200 -2.61 10.84 -11.44
C ARG A 200 -1.60 9.72 -11.73
N TYR A 201 -2.10 8.51 -11.97
CA TYR A 201 -1.26 7.38 -12.37
C TYR A 201 -0.31 7.82 -13.48
N PRO A 202 1.02 7.66 -13.28
CA PRO A 202 2.00 8.34 -14.11
C PRO A 202 2.40 7.61 -15.40
N ILE A 203 1.60 6.64 -15.81
CA ILE A 203 1.82 5.98 -17.09
C ILE A 203 0.53 5.95 -17.92
N PRO A 204 0.55 6.55 -19.13
CA PRO A 204 1.70 7.17 -19.76
C PRO A 204 2.04 8.54 -19.14
N PRO A 205 3.30 8.98 -19.28
CA PRO A 205 3.72 10.27 -18.73
C PRO A 205 2.89 11.41 -19.33
N PRO A 206 2.62 12.47 -18.53
CA PRO A 206 1.91 13.63 -19.06
C PRO A 206 2.77 14.40 -20.08
N ASP A 207 2.11 15.03 -21.05
CA ASP A 207 2.79 15.83 -22.09
C ASP A 207 3.07 17.27 -21.64
N ALA A 208 3.95 17.95 -22.39
CA ALA A 208 4.38 19.33 -22.08
C ALA A 208 3.22 20.29 -21.79
N LYS A 209 2.07 20.05 -22.41
CA LYS A 209 0.86 20.84 -22.15
C LYS A 209 0.17 20.47 -20.82
N GLU A 210 0.03 19.17 -20.56
CA GLU A 210 -0.58 18.69 -19.32
C GLU A 210 0.26 19.06 -18.09
N LEU A 211 1.58 19.10 -18.27
CA LEU A 211 2.52 19.54 -17.23
C LEU A 211 2.23 20.97 -16.77
N GLU A 212 2.01 21.86 -17.75
CA GLU A 212 1.67 23.24 -17.49
C GLU A 212 0.23 23.39 -16.96
N LEU A 213 -0.68 22.58 -17.50
CA LEU A 213 -2.09 22.57 -17.09
C LEU A 213 -2.28 22.29 -15.60
N MET A 214 -1.63 21.24 -15.12
CA MET A 214 -1.70 20.83 -13.71
C MET A 214 -1.00 21.83 -12.79
N PHE A 215 0.21 22.22 -13.16
CA PHE A 215 1.03 23.11 -12.33
C PHE A 215 0.90 24.56 -12.79
N PRO A 246 -6.45 9.97 -22.32
CA PRO A 246 -7.35 8.85 -22.61
C PRO A 246 -6.86 7.52 -22.01
N PRO A 247 -7.79 6.70 -21.44
CA PRO A 247 -7.44 5.42 -20.82
C PRO A 247 -6.57 4.52 -21.72
N MET A 248 -5.58 3.86 -21.11
CA MET A 248 -4.68 2.96 -21.85
C MET A 248 -5.12 1.51 -21.74
N ALA A 249 -5.05 0.79 -22.85
CA ALA A 249 -5.41 -0.62 -22.92
C ALA A 249 -4.41 -1.50 -22.16
N ILE A 250 -4.85 -2.68 -21.74
CA ILE A 250 -4.03 -3.54 -20.89
C ILE A 250 -2.64 -3.83 -21.46
N PHE A 251 -2.54 -4.13 -22.75
CA PHE A 251 -1.24 -4.40 -23.37
C PHE A 251 -0.41 -3.13 -23.60
N GLU A 252 -1.05 -2.06 -24.07
CA GLU A 252 -0.37 -0.79 -24.27
C GLU A 252 0.31 -0.35 -22.96
N LEU A 253 -0.38 -0.56 -21.84
CA LEU A 253 0.11 -0.15 -20.54
C LEU A 253 1.29 -1.01 -20.07
N LEU A 254 1.12 -2.34 -20.09
CA LEU A 254 2.15 -3.24 -19.62
C LEU A 254 3.36 -3.21 -20.54
N ASP A 255 3.13 -2.96 -21.81
CA ASP A 255 4.20 -2.81 -22.79
C ASP A 255 5.02 -1.57 -22.47
N TYR A 256 4.34 -0.50 -22.06
CA TYR A 256 5.02 0.76 -21.71
C TYR A 256 5.93 0.55 -20.50
N ILE A 257 5.41 -0.11 -19.46
CA ILE A 257 6.15 -0.36 -18.24
C ILE A 257 7.47 -1.11 -18.49
N VAL A 258 7.41 -2.23 -19.19
CA VAL A 258 8.58 -3.10 -19.33
C VAL A 258 9.55 -2.69 -20.45
N ASN A 259 9.09 -1.84 -21.36
CA ASN A 259 9.89 -1.47 -22.54
C ASN A 259 10.30 0.00 -22.64
N GLU A 260 9.33 0.90 -22.48
CA GLU A 260 9.61 2.33 -22.57
C GLU A 260 10.24 2.85 -21.27
N PRO A 261 11.07 3.92 -21.37
CA PRO A 261 11.79 4.42 -20.20
C PRO A 261 10.85 4.72 -19.02
N PRO A 262 11.32 4.49 -17.78
CA PRO A 262 10.54 4.67 -16.55
C PRO A 262 10.00 6.08 -16.36
N PRO A 263 8.89 6.21 -15.60
CA PRO A 263 8.37 7.54 -15.29
C PRO A 263 9.33 8.36 -14.42
N LYS A 264 9.29 9.66 -14.60
CA LYS A 264 10.14 10.59 -13.87
C LYS A 264 9.25 11.60 -13.20
N LEU A 265 9.76 12.21 -12.14
CA LEU A 265 9.10 13.33 -11.52
C LEU A 265 9.37 14.57 -12.38
N PRO A 266 8.30 15.35 -12.69
CA PRO A 266 8.48 16.59 -13.43
C PRO A 266 9.47 17.52 -12.76
N SER A 267 10.45 18.00 -13.52
CA SER A 267 11.53 18.83 -12.97
C SER A 267 11.09 20.25 -12.62
N GLY A 268 11.88 20.91 -11.77
CA GLY A 268 11.65 22.30 -11.38
C GLY A 268 10.75 22.49 -10.18
N VAL A 269 9.62 21.76 -10.15
CA VAL A 269 8.62 21.90 -9.10
C VAL A 269 8.76 20.84 -7.98
N PHE A 270 9.74 19.96 -8.11
CA PHE A 270 10.11 19.03 -7.04
C PHE A 270 11.61 19.10 -6.79
N SER A 271 12.00 18.95 -5.53
CA SER A 271 13.41 19.06 -5.16
C SER A 271 14.25 18.00 -5.85
N LEU A 272 15.54 18.31 -6.07
CA LEU A 272 16.48 17.37 -6.67
C LEU A 272 16.68 16.12 -5.80
N GLU A 273 16.35 16.26 -4.52
CA GLU A 273 16.43 15.18 -3.53
C GLU A 273 15.33 14.13 -3.72
N PHE A 274 14.08 14.60 -3.87
CA PHE A 274 12.95 13.73 -4.17
C PHE A 274 13.10 13.05 -5.54
N GLN A 275 13.46 13.82 -6.56
CA GLN A 275 13.71 13.28 -7.88
C GLN A 275 14.69 12.10 -7.87
N ASP A 276 15.85 12.29 -7.23
CA ASP A 276 16.86 11.23 -7.18
C ASP A 276 16.32 10.01 -6.44
N PHE A 277 15.47 10.24 -5.43
CA PHE A 277 14.87 9.17 -4.65
C PHE A 277 14.02 8.25 -5.52
N VAL A 278 13.03 8.82 -6.21
CA VAL A 278 12.16 8.06 -7.09
C VAL A 278 12.91 7.49 -8.29
N ASN A 279 13.85 8.25 -8.85
CA ASN A 279 14.64 7.75 -9.96
C ASN A 279 15.36 6.46 -9.57
N LYS A 280 16.01 6.48 -8.41
CA LYS A 280 16.69 5.31 -7.86
C LYS A 280 15.72 4.17 -7.55
N CYS A 281 14.46 4.51 -7.30
CA CYS A 281 13.42 3.52 -7.05
C CYS A 281 12.91 2.89 -8.34
N LEU A 282 12.90 3.68 -9.40
CA LEU A 282 12.29 3.25 -10.65
C LEU A 282 13.34 2.84 -11.69
N ILE A 283 14.45 2.27 -11.21
CA ILE A 283 15.41 1.66 -12.10
C ILE A 283 14.87 0.29 -12.52
N LYS A 284 14.73 0.07 -13.82
CA LYS A 284 14.10 -1.15 -14.35
C LYS A 284 14.75 -2.44 -13.91
N ASN A 285 16.07 -2.40 -13.71
CA ASN A 285 16.82 -3.58 -13.33
C ASN A 285 16.79 -3.79 -11.80
N PRO A 286 16.18 -4.90 -11.36
CA PRO A 286 16.09 -5.27 -9.95
C PRO A 286 17.39 -5.07 -9.15
N ALA A 287 18.53 -5.45 -9.75
CA ALA A 287 19.83 -5.40 -9.07
C ALA A 287 20.49 -4.03 -9.12
N GLU A 288 20.15 -3.24 -10.13
CA GLU A 288 20.63 -1.87 -10.20
C GLU A 288 19.78 -0.98 -9.30
N ARG A 289 18.51 -1.35 -9.14
CA ARG A 289 17.54 -0.61 -8.34
C ARG A 289 18.00 -0.50 -6.89
N ALA A 290 17.72 0.64 -6.26
CA ALA A 290 18.01 0.80 -4.83
C ALA A 290 17.31 -0.24 -3.97
N ASP A 291 17.90 -0.56 -2.82
CA ASP A 291 17.23 -1.43 -1.86
C ASP A 291 16.80 -0.64 -0.63
N LEU A 292 16.22 -1.34 0.35
CA LEU A 292 15.73 -0.71 1.57
C LEU A 292 16.85 -0.06 2.38
N LYS A 293 17.98 -0.76 2.47
CA LYS A 293 19.17 -0.28 3.16
C LYS A 293 19.63 1.07 2.60
N GLN A 294 19.93 1.09 1.30
CA GLN A 294 20.38 2.30 0.61
C GLN A 294 19.36 3.43 0.65
N LEU A 295 18.07 3.09 0.54
CA LEU A 295 17.02 4.11 0.56
C LEU A 295 16.87 4.77 1.94
N MET A 296 17.09 3.97 2.99
CA MET A 296 17.03 4.44 4.37
C MET A 296 18.03 5.57 4.68
N VAL A 297 19.14 5.59 3.96
CA VAL A 297 20.20 6.59 4.19
C VAL A 297 20.33 7.59 3.02
N HIS A 298 19.33 7.62 2.15
CA HIS A 298 19.27 8.55 1.03
C HIS A 298 18.97 9.96 1.52
N ALA A 299 19.48 10.95 0.79
CA ALA A 299 19.34 12.37 1.13
C ALA A 299 17.91 12.81 1.48
N PHE A 300 16.94 12.37 0.68
CA PHE A 300 15.53 12.73 0.84
C PHE A 300 14.92 12.24 2.18
N ILE A 301 15.35 11.06 2.64
CA ILE A 301 14.85 10.49 3.90
C ILE A 301 15.53 11.18 5.08
N LYS A 302 16.84 11.35 4.97
CA LYS A 302 17.60 12.17 5.92
C LYS A 302 16.92 13.52 6.11
N ARG A 303 16.62 14.18 4.99
CA ARG A 303 15.90 15.45 5.00
C ARG A 303 14.48 15.32 5.59
N SER A 304 13.80 14.20 5.34
CA SER A 304 12.41 14.04 5.81
C SER A 304 12.30 13.71 7.29
N ASP A 305 13.25 12.90 7.78
CA ASP A 305 13.40 12.62 9.21
C ASP A 305 13.54 13.91 10.03
N ALA A 306 14.32 14.85 9.51
CA ALA A 306 14.54 16.13 10.18
C ALA A 306 13.26 16.96 10.27
N GLU A 307 12.56 17.10 9.14
CA GLU A 307 11.48 18.07 9.02
C GLU A 307 10.34 17.92 10.03
N GLU A 308 9.88 19.06 10.54
CA GLU A 308 8.79 19.12 11.51
C GLU A 308 7.50 19.41 10.74
N VAL A 309 6.67 18.37 10.60
CA VAL A 309 5.46 18.48 9.78
C VAL A 309 4.23 18.00 10.55
N ASP A 310 3.14 18.75 10.42
CA ASP A 310 1.87 18.37 11.03
C ASP A 310 1.09 17.53 10.02
N PHE A 311 1.42 16.23 9.98
CA PHE A 311 0.72 15.28 9.11
C PHE A 311 -0.75 15.19 9.49
N ALA A 312 -1.01 14.81 10.74
CA ALA A 312 -2.36 14.71 11.27
C ALA A 312 -3.16 15.97 10.95
N GLY A 313 -2.54 17.12 11.15
CA GLY A 313 -3.11 18.41 10.79
C GLY A 313 -3.49 18.51 9.32
N TRP A 314 -2.51 18.25 8.43
CA TRP A 314 -2.73 18.28 6.98
C TRP A 314 -3.78 17.26 6.52
N LEU A 315 -3.72 16.07 7.09
CA LEU A 315 -4.61 14.97 6.73
C LEU A 315 -6.06 15.30 7.06
N CYS A 316 -6.33 15.55 8.34
CA CYS A 316 -7.67 15.87 8.83
C CYS A 316 -8.25 17.13 8.16
N SER A 317 -7.42 18.15 7.98
CA SER A 317 -7.81 19.40 7.32
C SER A 317 -8.24 19.22 5.87
N THR A 318 -7.61 18.28 5.15
CA THR A 318 -7.94 18.01 3.75
C THR A 318 -9.07 16.99 3.56
N ILE A 319 -9.23 16.08 4.52
CA ILE A 319 -10.31 15.07 4.42
C ILE A 319 -11.51 15.34 5.34
N GLY A 320 -11.42 16.43 6.11
CA GLY A 320 -12.52 16.87 6.99
C GLY A 320 -12.90 15.91 8.10
N LEU A 321 -11.99 15.69 9.04
CA LEU A 321 -12.20 14.70 10.10
C LEU A 321 -12.11 15.29 11.50
N ASN A 322 -10.89 15.69 11.88
CA ASN A 322 -10.58 16.07 13.26
C ASN A 322 -10.82 17.57 13.53
#